data_5CPH
#
_entry.id   5CPH
#
_cell.length_a   142.852
_cell.length_b   55.681
_cell.length_c   51.569
_cell.angle_alpha   90.000
_cell.angle_beta   100.690
_cell.angle_gamma   90.000
#
_symmetry.space_group_name_H-M   'C 1 2 1'
#
loop_
_entity.id
_entity.type
_entity.pdbx_description
1 polymer 'DNA gyrase subunit B'
2 non-polymer (3E)-3-(pyridin-3-ylmethylidene)-1,3-dihydro-2H-indol-2-one
3 non-polymer 'SULFATE ION'
4 non-polymer (4S)-2-METHYL-2,4-PENTANEDIOL
5 water water
#
_entity_poly.entity_id   1
_entity_poly.type   'polypeptide(L)'
_entity_poly.pdbx_seq_one_letter_code
;GSVTALSDVNNTDNYGAGQIQVLEGLEAVRKRPGMYIGSTSERGLHHLVWEIVDNSIDEALAGYANQIEVVIEKDNWIKV
TDNGRGIPVDIQEKMGRPAVEVILTSSVVNALSQDLEVYVHRNETIYHQAYKKGVPQFDLKEVGTTDKTGTVIRFKADGE
IFTETTVYNYETLQQRIRELAFLNKGIQITLRDERDEENVREDSYHYEGGIK
;
_entity_poly.pdbx_strand_id   A,B
#
loop_
_chem_comp.id
_chem_comp.type
_chem_comp.name
_chem_comp.formula
EVO non-polymer (3E)-3-(pyridin-3-ylmethylidene)-1,3-dihydro-2H-indol-2-one 'C14 H10 N2 O'
MPD non-polymer (4S)-2-METHYL-2,4-PENTANEDIOL 'C6 H14 O2'
SO4 non-polymer 'SULFATE ION' 'O4 S -2'
#
# COMPACT_ATOMS: atom_id res chain seq x y z
N ALA A 17 -4.03 6.00 1.94
CA ALA A 17 -4.60 5.06 2.95
C ALA A 17 -3.49 4.18 3.50
N GLY A 18 -2.56 3.75 2.64
CA GLY A 18 -1.35 3.04 3.03
C GLY A 18 -0.51 3.69 4.11
N GLN A 19 0.04 4.87 3.84
CA GLN A 19 0.82 5.63 4.80
C GLN A 19 0.05 6.02 6.10
N ILE A 20 -1.23 6.35 5.95
CA ILE A 20 -2.05 6.59 7.11
C ILE A 20 -2.13 5.37 7.95
N GLN A 21 -2.35 4.21 7.34
CA GLN A 21 -2.52 3.00 8.10
C GLN A 21 -1.16 2.60 8.79
N VAL A 22 -0.02 2.96 8.20
CA VAL A 22 1.32 2.75 8.87
C VAL A 22 1.29 3.52 10.16
N LEU A 23 1.02 4.81 10.09
CA LEU A 23 1.10 5.63 11.24
C LEU A 23 0.15 5.17 12.31
N GLU A 24 -1.06 4.78 11.93
CA GLU A 24 -1.97 4.24 12.91
C GLU A 24 -1.42 2.93 13.57
N GLY A 25 -0.74 2.12 12.80
CA GLY A 25 -0.12 0.89 13.34
C GLY A 25 0.98 1.19 14.32
N LEU A 26 1.82 2.17 14.04
CA LEU A 26 2.83 2.60 15.03
C LEU A 26 2.20 3.07 16.30
N GLU A 27 1.18 3.92 16.20
CA GLU A 27 0.52 4.43 17.34
C GLU A 27 -0.03 3.27 18.21
N ALA A 28 -0.62 2.24 17.58
CA ALA A 28 -1.23 1.15 18.33
C ALA A 28 -0.19 0.34 19.09
N VAL A 29 0.95 0.09 18.42
CA VAL A 29 2.04 -0.62 19.07
C VAL A 29 2.61 0.15 20.25
N ARG A 30 2.84 1.43 20.12
CA ARG A 30 3.44 2.23 21.17
C ARG A 30 2.49 2.50 22.30
N LYS A 31 1.17 2.42 22.03
CA LYS A 31 0.18 2.60 23.12
C LYS A 31 0.05 1.36 23.98
N ARG A 32 0.19 0.17 23.45
CA ARG A 32 0.04 -1.12 24.16
C ARG A 32 1.05 -2.11 23.90
N PRO A 33 2.36 -1.69 24.21
CA PRO A 33 3.43 -2.52 23.68
C PRO A 33 3.47 -3.95 24.24
N GLY A 34 3.04 -4.05 25.55
CA GLY A 34 2.99 -5.36 26.18
C GLY A 34 2.00 -6.37 25.57
N MET A 35 0.96 -5.80 24.86
CA MET A 35 0.06 -6.67 24.08
C MET A 35 0.76 -7.28 22.88
N TYR A 36 1.83 -6.58 22.39
CA TYR A 36 2.57 -7.04 21.24
C TYR A 36 3.74 -7.90 21.55
N ILE A 37 4.46 -7.53 22.64
CA ILE A 37 5.71 -8.21 23.00
C ILE A 37 5.76 -8.92 24.37
N GLY A 38 4.65 -8.93 25.07
CA GLY A 38 4.55 -9.62 26.29
C GLY A 38 4.70 -8.76 27.53
N SER A 39 5.67 -7.85 27.47
CA SER A 39 5.99 -6.96 28.56
C SER A 39 6.97 -5.90 28.07
N THR A 40 7.17 -4.92 28.92
CA THR A 40 8.15 -3.88 28.68
C THR A 40 9.30 -4.00 29.70
N SER A 41 9.37 -5.09 30.39
CA SER A 41 10.43 -5.42 31.30
C SER A 41 11.70 -5.83 30.56
N GLU A 42 12.71 -6.29 31.30
CA GLU A 42 13.88 -6.87 30.69
C GLU A 42 13.55 -7.97 29.70
N ARG A 43 12.52 -8.79 30.01
CA ARG A 43 12.10 -9.86 29.09
CA ARG A 43 12.14 -9.86 29.09
C ARG A 43 11.63 -9.28 27.78
N GLY A 44 10.85 -8.25 27.77
CA GLY A 44 10.43 -7.63 26.55
C GLY A 44 11.53 -6.97 25.79
N LEU A 45 12.53 -6.39 26.46
CA LEU A 45 13.70 -5.86 25.82
C LEU A 45 14.37 -6.92 24.99
N HIS A 46 14.62 -8.04 25.59
CA HIS A 46 15.29 -9.11 24.86
C HIS A 46 14.46 -9.69 23.71
N HIS A 47 13.16 -9.69 23.87
CA HIS A 47 12.25 -10.12 22.80
C HIS A 47 12.46 -9.34 21.56
N LEU A 48 12.90 -8.11 21.61
CA LEU A 48 13.16 -7.34 20.40
C LEU A 48 14.22 -8.05 19.56
N VAL A 49 15.24 -8.60 20.22
CA VAL A 49 16.30 -9.32 19.51
C VAL A 49 15.72 -10.52 18.86
N TRP A 50 14.95 -11.29 19.62
CA TRP A 50 14.35 -12.49 19.06
C TRP A 50 13.46 -12.24 17.88
N GLU A 51 12.75 -11.17 17.82
CA GLU A 51 11.88 -10.86 16.71
CA GLU A 51 11.85 -10.90 16.74
C GLU A 51 12.71 -10.67 15.50
N ILE A 52 13.80 -9.92 15.53
CA ILE A 52 14.65 -9.73 14.35
C ILE A 52 15.36 -11.00 14.00
N VAL A 53 15.95 -11.70 14.91
CA VAL A 53 16.66 -12.95 14.61
C VAL A 53 15.72 -13.98 13.95
N ASP A 54 14.49 -14.03 14.44
CA ASP A 54 13.52 -14.97 13.82
CA ASP A 54 13.53 -14.98 13.83
C ASP A 54 13.34 -14.69 12.36
N ASN A 55 13.37 -13.47 11.94
CA ASN A 55 13.22 -13.16 10.50
C ASN A 55 14.42 -13.68 9.75
N SER A 56 15.64 -13.53 10.31
CA SER A 56 16.81 -14.07 9.65
C SER A 56 16.84 -15.63 9.62
N ILE A 57 16.34 -16.23 10.68
CA ILE A 57 16.20 -17.68 10.71
C ILE A 57 15.22 -18.16 9.61
N ASP A 58 14.14 -17.45 9.40
CA ASP A 58 13.22 -17.85 8.33
C ASP A 58 13.87 -17.79 7.01
N GLU A 59 14.76 -16.81 6.78
CA GLU A 59 15.48 -16.69 5.54
C GLU A 59 16.44 -17.83 5.36
N ALA A 60 17.09 -18.31 6.42
CA ALA A 60 17.89 -19.51 6.37
C ALA A 60 17.09 -20.77 6.08
N LEU A 61 15.98 -20.90 6.75
CA LEU A 61 15.14 -22.07 6.53
C LEU A 61 14.59 -22.13 5.17
N ALA A 62 14.35 -21.02 4.51
CA ALA A 62 13.91 -20.94 3.12
C ALA A 62 14.99 -21.28 2.20
N GLY A 63 16.25 -21.46 2.59
CA GLY A 63 17.31 -21.90 1.80
C GLY A 63 18.35 -20.88 1.35
N TYR A 64 18.26 -19.70 1.92
CA TYR A 64 18.98 -18.55 1.36
C TYR A 64 20.03 -17.94 2.27
N ALA A 65 20.18 -18.30 3.51
CA ALA A 65 21.12 -17.73 4.48
C ALA A 65 21.68 -18.86 5.24
N ASN A 66 22.87 -18.72 5.76
CA ASN A 66 23.44 -19.65 6.69
C ASN A 66 24.30 -19.04 7.75
N GLN A 67 24.32 -17.71 7.86
CA GLN A 67 25.13 -17.05 8.92
C GLN A 67 24.32 -15.89 9.45
N ILE A 68 24.25 -15.80 10.73
CA ILE A 68 23.54 -14.70 11.49
C ILE A 68 24.50 -14.26 12.55
N GLU A 69 24.69 -12.95 12.66
CA GLU A 69 25.57 -12.37 13.69
C GLU A 69 24.77 -11.40 14.53
N VAL A 70 24.79 -11.49 15.82
CA VAL A 70 24.14 -10.57 16.77
C VAL A 70 25.20 -9.84 17.53
N VAL A 71 25.27 -8.54 17.46
CA VAL A 71 26.29 -7.74 18.17
C VAL A 71 25.60 -6.84 19.15
N ILE A 72 26.03 -6.87 20.39
CA ILE A 72 25.64 -5.83 21.37
C ILE A 72 26.67 -4.72 21.24
N GLU A 73 26.28 -3.58 20.69
CA GLU A 73 27.14 -2.46 20.38
C GLU A 73 27.11 -1.51 21.56
N LYS A 74 28.10 -0.56 21.47
CA LYS A 74 28.10 0.52 22.40
C LYS A 74 26.72 1.15 22.62
N ASP A 75 26.45 1.48 23.85
CA ASP A 75 25.19 2.10 24.29
CA ASP A 75 25.17 2.09 24.32
C ASP A 75 23.97 1.18 24.10
N ASN A 76 24.22 -0.11 24.02
CA ASN A 76 23.11 -1.09 23.93
C ASN A 76 22.30 -0.89 22.69
N TRP A 77 22.97 -0.52 21.60
CA TRP A 77 22.43 -0.84 20.30
C TRP A 77 22.58 -2.33 20.07
N ILE A 78 21.71 -2.90 19.24
CA ILE A 78 21.82 -4.25 18.75
C ILE A 78 21.98 -4.22 17.27
N LYS A 79 22.92 -4.99 16.74
CA LYS A 79 23.08 -5.18 15.26
C LYS A 79 22.86 -6.58 14.92
N VAL A 80 21.96 -6.93 14.02
CA VAL A 80 21.71 -8.26 13.53
C VAL A 80 22.06 -8.30 12.06
N THR A 81 22.94 -9.14 11.60
CA THR A 81 23.36 -9.29 10.21
C THR A 81 23.08 -10.67 9.75
N ASP A 82 22.49 -10.86 8.58
CA ASP A 82 22.41 -12.20 7.93
C ASP A 82 22.95 -12.13 6.54
N ASN A 83 23.29 -13.28 5.99
CA ASN A 83 23.72 -13.42 4.60
C ASN A 83 22.66 -13.92 3.69
N GLY A 84 21.44 -13.58 3.90
CA GLY A 84 20.34 -13.98 2.99
C GLY A 84 20.24 -13.14 1.76
N ARG A 85 19.07 -13.08 1.15
CA ARG A 85 18.92 -12.41 -0.13
C ARG A 85 18.93 -10.91 -0.01
N GLY A 86 18.81 -10.36 1.19
CA GLY A 86 18.52 -8.92 1.40
C GLY A 86 17.08 -8.69 1.40
N ILE A 87 16.55 -7.90 2.28
CA ILE A 87 15.12 -7.56 2.24
C ILE A 87 14.87 -6.90 0.91
N PRO A 88 13.78 -7.26 0.16
CA PRO A 88 13.56 -6.63 -1.14
C PRO A 88 13.36 -5.13 -1.08
N VAL A 89 13.76 -4.49 -2.18
CA VAL A 89 13.73 -3.07 -2.28
C VAL A 89 12.83 -2.53 -3.39
N ASP A 90 12.19 -3.45 -4.10
CA ASP A 90 11.33 -2.98 -5.22
C ASP A 90 10.14 -2.22 -4.73
N ILE A 91 9.66 -1.33 -5.56
CA ILE A 91 8.52 -0.49 -5.23
C ILE A 91 7.25 -1.30 -5.37
N GLN A 92 6.46 -1.29 -4.31
CA GLN A 92 5.18 -2.04 -4.34
C GLN A 92 4.10 -1.31 -5.10
N GLU A 93 3.25 -2.04 -5.78
CA GLU A 93 2.04 -1.44 -6.34
C GLU A 93 1.17 -0.91 -5.21
N LYS A 94 0.94 -1.76 -4.21
CA LYS A 94 0.02 -1.44 -3.08
C LYS A 94 0.39 -0.23 -2.20
N MET A 95 1.62 -0.22 -1.72
CA MET A 95 2.09 0.89 -0.88
C MET A 95 2.74 2.02 -1.68
N GLY A 96 3.29 1.71 -2.88
CA GLY A 96 3.96 2.77 -3.66
C GLY A 96 5.39 3.08 -3.04
N ARG A 97 5.77 2.24 -2.10
CA ARG A 97 6.98 2.41 -1.27
C ARG A 97 7.81 1.19 -1.52
N PRO A 98 9.11 1.30 -1.29
CA PRO A 98 9.95 0.12 -1.35
C PRO A 98 9.52 -1.00 -0.38
N ALA A 99 9.65 -2.19 -0.79
CA ALA A 99 9.20 -3.32 0.06
C ALA A 99 9.86 -3.25 1.42
N VAL A 100 11.16 -2.99 1.51
CA VAL A 100 11.83 -2.96 2.84
C VAL A 100 11.19 -1.95 3.75
N GLU A 101 10.80 -0.79 3.20
CA GLU A 101 10.18 0.19 4.02
C GLU A 101 8.85 -0.33 4.61
N VAL A 102 8.03 -0.95 3.75
CA VAL A 102 6.75 -1.51 4.23
C VAL A 102 7.01 -2.57 5.33
N ILE A 103 7.95 -3.48 5.07
CA ILE A 103 8.23 -4.52 6.00
C ILE A 103 8.71 -3.93 7.34
N LEU A 104 9.57 -2.93 7.31
CA LEU A 104 10.13 -2.44 8.59
C LEU A 104 9.20 -1.49 9.27
N THR A 105 8.37 -0.75 8.54
CA THR A 105 7.39 0.13 9.25
C THR A 105 6.24 -0.65 9.83
N SER A 106 6.13 -1.92 9.56
CA SER A 106 5.14 -2.72 10.26
CA SER A 106 5.18 -2.93 10.11
C SER A 106 5.80 -3.64 11.25
N SER A 107 7.07 -3.48 11.57
CA SER A 107 7.75 -4.21 12.57
C SER A 107 7.59 -3.60 13.96
N VAL A 108 7.23 -4.46 14.91
CA VAL A 108 7.09 -4.01 16.29
CA VAL A 108 7.08 -3.98 16.30
C VAL A 108 8.44 -3.52 16.82
N VAL A 109 9.56 -4.12 16.37
CA VAL A 109 10.84 -3.68 16.89
C VAL A 109 11.08 -2.25 16.48
N ASN A 110 10.73 -1.89 15.25
CA ASN A 110 10.91 -0.56 14.77
C ASN A 110 10.12 0.43 15.53
N ALA A 111 8.81 0.14 15.76
CA ALA A 111 7.96 0.99 16.55
C ALA A 111 8.46 1.23 17.94
N LEU A 112 9.07 0.22 18.52
CA LEU A 112 9.53 0.28 19.92
C LEU A 112 11.04 0.63 20.02
N SER A 113 11.61 1.14 19.00
CA SER A 113 13.03 1.57 18.98
C SER A 113 13.04 3.08 18.83
N GLN A 114 13.88 3.71 19.64
CA GLN A 114 14.09 5.14 19.39
C GLN A 114 14.73 5.43 18.09
N ASP A 115 15.57 4.52 17.63
CA ASP A 115 16.24 4.61 16.30
C ASP A 115 16.41 3.20 15.73
N LEU A 116 16.24 3.04 14.43
CA LEU A 116 16.50 1.78 13.74
C LEU A 116 17.08 2.12 12.43
N GLU A 117 18.07 1.37 11.98
CA GLU A 117 18.64 1.50 10.67
C GLU A 117 18.66 0.18 9.94
N VAL A 118 18.53 0.16 8.61
CA VAL A 118 18.72 -1.01 7.79
C VAL A 118 19.73 -0.72 6.75
N TYR A 119 20.57 -1.72 6.44
CA TYR A 119 21.38 -1.73 5.23
C TYR A 119 21.10 -2.99 4.52
N VAL A 120 20.62 -2.95 3.28
CA VAL A 120 20.37 -4.11 2.44
C VAL A 120 21.45 -4.18 1.39
N HIS A 121 22.08 -5.35 1.28
CA HIS A 121 23.00 -5.73 0.22
C HIS A 121 22.24 -6.56 -0.78
N ARG A 122 21.93 -6.01 -1.96
CA ARG A 122 21.12 -6.72 -2.96
C ARG A 122 21.35 -6.02 -4.30
N ASN A 123 21.25 -6.77 -5.42
CA ASN A 123 21.43 -6.18 -6.73
C ASN A 123 22.80 -5.45 -6.85
N GLU A 124 23.82 -5.91 -6.16
CA GLU A 124 25.16 -5.34 -6.18
C GLU A 124 25.19 -3.97 -5.58
N THR A 125 24.21 -3.59 -4.81
CA THR A 125 23.97 -2.27 -4.31
C THR A 125 23.76 -2.34 -2.80
N ILE A 126 24.19 -1.34 -2.10
CA ILE A 126 23.88 -1.15 -0.70
C ILE A 126 22.86 -0.11 -0.50
N TYR A 127 21.69 -0.45 0.08
CA TYR A 127 20.58 0.48 0.31
C TYR A 127 20.47 0.76 1.78
N HIS A 128 20.12 1.92 2.17
CA HIS A 128 19.98 2.37 3.54
C HIS A 128 18.76 3.15 3.84
N GLN A 129 18.12 2.86 4.97
CA GLN A 129 17.03 3.69 5.51
C GLN A 129 17.16 3.75 6.98
N ALA A 130 16.76 4.84 7.59
CA ALA A 130 16.73 4.99 9.04
C ALA A 130 15.34 5.42 9.50
N TYR A 131 14.99 5.13 10.72
CA TYR A 131 13.67 5.36 11.31
C TYR A 131 13.84 5.79 12.71
N LYS A 132 12.83 6.49 13.25
CA LYS A 132 12.72 6.82 14.67
C LYS A 132 11.32 6.52 15.17
N LYS A 133 11.17 5.63 16.09
CA LYS A 133 9.86 5.17 16.56
C LYS A 133 9.05 4.66 15.41
N GLY A 134 9.70 4.07 14.44
CA GLY A 134 9.08 3.50 13.28
C GLY A 134 8.91 4.40 12.08
N VAL A 135 9.11 5.71 12.28
CA VAL A 135 8.89 6.70 11.23
C VAL A 135 10.15 6.83 10.34
N PRO A 136 10.01 6.59 9.06
CA PRO A 136 11.18 6.79 8.18
C PRO A 136 11.69 8.16 8.21
N GLN A 137 12.96 8.36 8.30
CA GLN A 137 13.60 9.65 8.39
C GLN A 137 13.97 10.20 7.05
N PHE A 138 13.96 9.41 6.01
CA PHE A 138 14.28 9.77 4.62
C PHE A 138 13.97 8.59 3.78
N ASP A 139 13.84 8.72 2.48
CA ASP A 139 13.56 7.72 1.56
C ASP A 139 14.75 6.76 1.45
N LEU A 140 14.45 5.49 1.21
CA LEU A 140 15.51 4.47 0.96
C LEU A 140 16.52 5.01 -0.04
N LYS A 141 17.78 4.88 0.28
CA LYS A 141 18.81 5.47 -0.62
C LYS A 141 19.89 4.50 -0.93
N GLU A 142 20.39 4.53 -2.14
CA GLU A 142 21.62 3.80 -2.49
C GLU A 142 22.77 4.48 -1.91
N VAL A 143 23.62 3.80 -1.20
CA VAL A 143 24.79 4.37 -0.51
C VAL A 143 26.12 3.76 -0.97
N GLY A 144 26.11 2.68 -1.66
CA GLY A 144 27.34 2.02 -2.06
C GLY A 144 27.06 0.83 -2.87
N THR A 145 28.12 0.05 -3.13
CA THR A 145 28.08 -1.18 -3.95
C THR A 145 28.63 -2.35 -3.14
N THR A 146 28.30 -3.54 -3.65
CA THR A 146 28.67 -4.76 -2.91
C THR A 146 28.70 -5.94 -3.87
N ASP A 147 29.39 -6.96 -3.46
CA ASP A 147 29.33 -8.23 -4.19
C ASP A 147 28.69 -9.31 -3.29
N LYS A 148 28.05 -8.91 -2.21
CA LYS A 148 27.36 -9.83 -1.31
C LYS A 148 25.89 -9.50 -1.30
N THR A 149 25.13 -10.43 -0.69
CA THR A 149 23.76 -10.20 -0.34
C THR A 149 23.50 -10.41 1.11
N GLY A 150 22.53 -9.69 1.65
CA GLY A 150 22.13 -9.88 3.06
C GLY A 150 21.57 -8.66 3.61
N THR A 151 21.24 -8.68 4.89
CA THR A 151 20.55 -7.62 5.60
C THR A 151 21.27 -7.31 6.88
N VAL A 152 21.44 -6.04 7.19
CA VAL A 152 21.89 -5.53 8.48
C VAL A 152 20.82 -4.73 9.08
N ILE A 153 20.38 -5.05 10.31
CA ILE A 153 19.41 -4.25 11.12
CA ILE A 153 19.51 -4.15 11.08
C ILE A 153 20.18 -3.76 12.35
N ARG A 154 20.19 -2.48 12.66
CA ARG A 154 20.68 -1.95 13.92
C ARG A 154 19.59 -1.21 14.62
N PHE A 155 19.37 -1.42 15.90
CA PHE A 155 18.33 -0.72 16.60
C PHE A 155 18.75 -0.38 18.04
N LYS A 156 18.15 0.70 18.52
CA LYS A 156 18.27 1.15 19.90
C LYS A 156 16.90 1.17 20.53
N ALA A 157 16.68 0.31 21.47
CA ALA A 157 15.41 0.21 22.16
C ALA A 157 15.00 1.55 22.72
N ASP A 158 13.68 1.85 22.72
CA ASP A 158 13.18 3.14 23.25
C ASP A 158 13.02 3.05 24.72
N GLY A 159 13.81 3.86 25.46
CA GLY A 159 13.68 3.95 26.93
C GLY A 159 12.38 4.55 27.39
N GLU A 160 11.61 5.16 26.52
CA GLU A 160 10.24 5.61 26.89
C GLU A 160 9.35 4.46 27.03
N ILE A 161 9.61 3.34 26.33
CA ILE A 161 8.83 2.08 26.41
C ILE A 161 9.40 1.18 27.45
N PHE A 162 10.72 0.93 27.36
CA PHE A 162 11.41 -0.03 28.22
C PHE A 162 11.94 0.70 29.44
N THR A 163 11.03 0.97 30.38
CA THR A 163 11.30 1.96 31.47
C THR A 163 12.02 1.30 32.58
N GLU A 164 12.13 0.00 32.71
CA GLU A 164 12.95 -0.62 33.75
CA GLU A 164 12.92 -0.73 33.77
C GLU A 164 14.39 -0.73 33.38
N THR A 165 14.70 -1.24 32.20
CA THR A 165 16.07 -1.33 31.75
C THR A 165 16.15 -1.38 30.23
N THR A 166 17.20 -0.83 29.67
CA THR A 166 17.56 -0.94 28.26
C THR A 166 18.91 -1.65 28.08
N VAL A 167 19.40 -2.31 29.12
CA VAL A 167 20.72 -2.96 29.08
C VAL A 167 20.52 -4.43 28.87
N TYR A 168 21.14 -4.98 27.80
CA TYR A 168 21.01 -6.41 27.49
C TYR A 168 21.92 -7.27 28.38
N ASN A 169 21.49 -8.49 28.62
CA ASN A 169 22.27 -9.45 29.41
C ASN A 169 22.92 -10.43 28.45
N TYR A 170 24.25 -10.48 28.38
CA TYR A 170 24.92 -11.35 27.47
C TYR A 170 24.53 -12.77 27.66
N GLU A 171 24.44 -13.27 28.86
CA GLU A 171 24.11 -14.66 29.08
C GLU A 171 22.73 -15.03 28.70
N THR A 172 21.76 -14.12 28.82
CA THR A 172 20.41 -14.33 28.31
C THR A 172 20.46 -14.48 26.79
N LEU A 173 21.13 -13.59 26.11
CA LEU A 173 21.26 -13.74 24.66
C LEU A 173 21.98 -15.00 24.27
N GLN A 174 23.08 -15.29 24.95
CA GLN A 174 23.88 -16.46 24.64
C GLN A 174 23.09 -17.74 24.74
N GLN A 175 22.37 -17.88 25.81
CA GLN A 175 21.55 -19.08 26.07
CA GLN A 175 21.69 -19.15 26.01
C GLN A 175 20.62 -19.37 24.91
N ARG A 176 19.91 -18.35 24.53
CA ARG A 176 18.89 -18.56 23.49
C ARG A 176 19.57 -18.69 22.12
N ILE A 177 20.65 -17.99 21.81
CA ILE A 177 21.34 -18.16 20.55
C ILE A 177 21.86 -19.55 20.43
N ARG A 178 22.48 -20.07 21.48
CA ARG A 178 22.98 -21.44 21.40
C ARG A 178 21.78 -22.41 21.13
N GLU A 179 20.70 -22.20 21.80
CA GLU A 179 19.48 -23.05 21.62
C GLU A 179 19.05 -22.93 20.16
N LEU A 180 18.99 -21.73 19.59
CA LEU A 180 18.54 -21.56 18.19
C LEU A 180 19.48 -22.22 17.29
N ALA A 181 20.79 -22.23 17.43
CA ALA A 181 21.70 -22.89 16.59
C ALA A 181 21.54 -24.43 16.70
N PHE A 182 21.30 -24.94 17.93
CA PHE A 182 21.07 -26.35 18.12
C PHE A 182 19.77 -26.75 17.43
N LEU A 183 18.79 -26.01 17.45
CA LEU A 183 17.50 -26.35 16.80
C LEU A 183 17.58 -26.24 15.30
N ASN A 184 18.28 -25.25 14.80
CA ASN A 184 18.35 -24.91 13.33
C ASN A 184 19.72 -25.38 12.86
N LYS A 185 20.02 -26.67 12.68
CA LYS A 185 21.37 -27.12 12.43
C LYS A 185 21.82 -26.59 11.04
N GLY A 186 23.07 -26.27 10.97
CA GLY A 186 23.63 -25.74 9.79
C GLY A 186 23.67 -24.21 9.74
N ILE A 187 22.98 -23.52 10.63
CA ILE A 187 23.09 -22.04 10.63
C ILE A 187 24.18 -21.69 11.62
N GLN A 188 25.14 -20.93 11.22
CA GLN A 188 26.12 -20.42 12.16
CA GLN A 188 26.24 -20.35 12.04
C GLN A 188 25.64 -19.14 12.78
N ILE A 189 25.46 -19.09 14.05
CA ILE A 189 24.92 -17.93 14.78
C ILE A 189 25.99 -17.46 15.72
N THR A 190 26.42 -16.23 15.61
CA THR A 190 27.49 -15.65 16.44
C THR A 190 26.95 -14.57 17.31
N LEU A 191 27.31 -14.46 18.55
CA LEU A 191 27.02 -13.39 19.48
C LEU A 191 28.31 -12.66 19.79
N ARG A 192 28.33 -11.36 19.78
CA ARG A 192 29.51 -10.57 20.17
C ARG A 192 29.10 -9.47 21.06
N ASP A 193 29.82 -9.17 22.12
CA ASP A 193 29.57 -8.01 22.97
C ASP A 193 30.67 -6.99 22.79
N GLU A 194 30.44 -5.86 22.19
CA GLU A 194 31.39 -4.78 21.98
C GLU A 194 31.16 -3.63 22.92
N ARG A 195 30.35 -3.75 23.94
CA ARG A 195 30.01 -2.60 24.83
C ARG A 195 31.25 -2.15 25.53
N ASP A 196 32.14 -3.03 25.91
CA ASP A 196 33.44 -2.58 26.53
C ASP A 196 34.53 -2.89 25.52
N GLU A 197 35.05 -1.93 24.84
CA GLU A 197 36.03 -2.14 23.79
C GLU A 197 37.34 -2.78 24.29
N GLU A 198 37.58 -2.72 25.55
CA GLU A 198 38.76 -3.33 26.16
C GLU A 198 38.63 -4.80 26.43
N ASN A 199 37.41 -5.42 26.49
CA ASN A 199 37.19 -6.79 26.65
C ASN A 199 35.99 -7.16 25.79
N VAL A 200 36.22 -7.64 24.63
CA VAL A 200 35.17 -8.04 23.68
C VAL A 200 35.02 -9.50 23.75
N ARG A 201 33.82 -9.99 23.95
CA ARG A 201 33.52 -11.42 24.01
CA ARG A 201 33.43 -11.40 24.15
C ARG A 201 32.77 -11.83 22.83
N GLU A 202 33.05 -13.01 22.29
CA GLU A 202 32.37 -13.59 21.03
C GLU A 202 32.15 -15.04 21.23
N ASP A 203 30.90 -15.56 21.12
CA ASP A 203 30.56 -16.98 21.13
C ASP A 203 29.97 -17.29 19.82
N SER A 204 30.40 -18.36 19.14
CA SER A 204 29.76 -18.73 17.91
CA SER A 204 30.11 -18.74 17.67
C SER A 204 29.45 -20.15 17.78
N TYR A 205 28.25 -20.36 17.31
CA TYR A 205 27.57 -21.66 17.39
C TYR A 205 27.27 -22.15 16.02
N HIS A 206 27.50 -23.44 15.73
CA HIS A 206 27.31 -23.99 14.35
C HIS A 206 27.16 -25.48 14.52
N TYR A 207 25.98 -25.98 14.58
CA TYR A 207 25.72 -27.44 14.81
C TYR A 207 25.67 -28.18 13.49
N GLU A 208 26.35 -29.31 13.46
CA GLU A 208 26.60 -30.20 12.28
C GLU A 208 26.74 -29.55 10.90
N GLN B 21 3.56 -4.00 -15.32
CA GLN B 21 3.21 -3.07 -14.19
C GLN B 21 1.77 -2.49 -14.23
N VAL B 22 1.09 -2.62 -15.37
CA VAL B 22 -0.30 -2.13 -15.47
C VAL B 22 -1.15 -3.28 -14.97
N LEU B 23 -0.95 -4.47 -15.55
CA LEU B 23 -1.62 -5.69 -15.10
C LEU B 23 -1.43 -5.93 -13.59
N GLU B 24 -0.24 -5.64 -13.06
CA GLU B 24 0.01 -5.85 -11.64
C GLU B 24 -0.71 -4.82 -10.80
N GLY B 25 -0.95 -3.67 -11.41
CA GLY B 25 -1.58 -2.54 -10.72
C GLY B 25 -3.05 -2.88 -10.51
N LEU B 26 -3.59 -3.48 -11.55
CA LEU B 26 -4.99 -3.93 -11.54
C LEU B 26 -5.18 -5.02 -10.50
N GLU B 27 -4.23 -5.93 -10.47
CA GLU B 27 -4.36 -7.06 -9.55
C GLU B 27 -4.22 -6.59 -8.13
N ALA B 28 -3.38 -5.62 -7.87
CA ALA B 28 -3.19 -5.02 -6.54
C ALA B 28 -4.47 -4.34 -5.97
N VAL B 29 -5.17 -3.62 -6.86
CA VAL B 29 -6.38 -2.93 -6.45
C VAL B 29 -7.44 -3.99 -6.15
N ARG B 30 -7.52 -4.96 -6.97
CA ARG B 30 -8.47 -5.95 -6.81
C ARG B 30 -8.28 -6.85 -5.58
N LYS B 31 -7.06 -6.90 -5.06
CA LYS B 31 -6.79 -7.71 -3.82
C LYS B 31 -7.03 -6.90 -2.59
N ARG B 32 -6.83 -5.61 -2.59
CA ARG B 32 -7.12 -4.79 -1.42
C ARG B 32 -8.03 -3.58 -1.74
N PRO B 33 -9.25 -3.89 -2.20
CA PRO B 33 -10.20 -2.82 -2.67
C PRO B 33 -10.56 -1.82 -1.62
N GLY B 34 -10.57 -2.25 -0.34
CA GLY B 34 -10.89 -1.35 0.75
C GLY B 34 -9.92 -0.23 1.01
N MET B 35 -8.68 -0.50 0.59
CA MET B 35 -7.66 0.50 0.67
C MET B 35 -7.88 1.68 -0.27
N TYR B 36 -8.61 1.39 -1.34
CA TYR B 36 -8.78 2.36 -2.44
C TYR B 36 -10.20 2.92 -2.41
N ILE B 37 -11.21 2.14 -1.98
CA ILE B 37 -12.59 2.62 -1.97
C ILE B 37 -13.31 2.48 -0.64
N GLY B 38 -12.60 2.09 0.43
CA GLY B 38 -13.18 2.09 1.76
C GLY B 38 -13.72 0.76 2.17
N SER B 39 -14.47 0.09 1.32
CA SER B 39 -15.09 -1.17 1.66
C SER B 39 -15.69 -1.78 0.42
N THR B 40 -16.05 -3.02 0.45
CA THR B 40 -16.75 -3.73 -0.59
C THR B 40 -18.30 -3.94 -0.39
N SER B 41 -18.75 -3.27 0.65
CA SER B 41 -20.16 -3.28 1.02
C SER B 41 -20.93 -2.31 0.07
N GLU B 42 -22.19 -2.06 0.34
CA GLU B 42 -23.00 -1.06 -0.41
C GLU B 42 -22.35 0.25 -0.47
N ARG B 43 -21.69 0.75 0.57
CA ARG B 43 -21.06 2.02 0.57
C ARG B 43 -19.91 2.06 -0.44
N GLY B 44 -19.15 0.99 -0.57
CA GLY B 44 -18.09 0.90 -1.54
C GLY B 44 -18.63 0.87 -2.97
N LEU B 45 -19.74 0.19 -3.18
CA LEU B 45 -20.38 0.18 -4.47
C LEU B 45 -20.72 1.60 -4.91
N HIS B 46 -21.37 2.32 -4.06
CA HIS B 46 -21.70 3.68 -4.42
C HIS B 46 -20.49 4.57 -4.60
N HIS B 47 -19.41 4.28 -3.87
CA HIS B 47 -18.15 5.01 -4.04
C HIS B 47 -17.60 4.94 -5.46
N LEU B 48 -17.86 3.90 -6.13
CA LEU B 48 -17.44 3.78 -7.55
C LEU B 48 -18.06 4.92 -8.37
N VAL B 49 -19.33 5.25 -8.08
CA VAL B 49 -19.97 6.38 -8.79
C VAL B 49 -19.29 7.63 -8.44
N TRP B 50 -18.96 7.87 -7.17
CA TRP B 50 -18.35 9.07 -6.79
C TRP B 50 -16.96 9.25 -7.40
N GLU B 51 -16.21 8.20 -7.55
CA GLU B 51 -14.90 8.35 -8.18
C GLU B 51 -15.07 8.83 -9.61
N ILE B 52 -15.99 8.28 -10.40
CA ILE B 52 -16.19 8.76 -11.79
C ILE B 52 -16.75 10.14 -11.78
N VAL B 53 -17.79 10.41 -11.02
CA VAL B 53 -18.35 11.75 -10.98
C VAL B 53 -17.34 12.80 -10.59
N ASP B 54 -16.43 12.46 -9.68
CA ASP B 54 -15.39 13.38 -9.24
CA ASP B 54 -15.45 13.42 -9.26
C ASP B 54 -14.54 13.85 -10.41
N ASN B 55 -14.25 12.97 -11.34
CA ASN B 55 -13.51 13.39 -12.53
C ASN B 55 -14.28 14.39 -13.40
N SER B 56 -15.59 14.20 -13.48
CA SER B 56 -16.38 15.16 -14.23
C SER B 56 -16.48 16.51 -13.47
N ILE B 57 -16.58 16.47 -12.11
CA ILE B 57 -16.54 17.67 -11.33
C ILE B 57 -15.22 18.40 -11.50
N ASP B 58 -14.12 17.69 -11.57
CA ASP B 58 -12.83 18.33 -11.82
C ASP B 58 -12.83 19.05 -13.14
N GLU B 59 -13.51 18.46 -14.17
CA GLU B 59 -13.56 19.08 -15.47
C GLU B 59 -14.45 20.34 -15.41
N ALA B 60 -15.48 20.34 -14.58
CA ALA B 60 -16.29 21.52 -14.31
C ALA B 60 -15.44 22.59 -13.56
N LEU B 61 -14.70 22.17 -12.56
CA LEU B 61 -13.83 23.10 -11.80
C LEU B 61 -12.80 23.71 -12.68
N ALA B 62 -12.37 23.02 -13.74
CA ALA B 62 -11.35 23.53 -14.67
C ALA B 62 -12.02 24.52 -15.61
N GLY B 63 -13.33 24.61 -15.66
CA GLY B 63 -14.02 25.56 -16.46
C GLY B 63 -14.58 25.06 -17.78
N TYR B 64 -14.55 23.74 -18.04
CA TYR B 64 -14.90 23.18 -19.39
C TYR B 64 -16.21 22.47 -19.39
N ALA B 65 -16.66 21.84 -18.32
CA ALA B 65 -17.95 21.08 -18.26
C ALA B 65 -18.95 21.94 -17.53
N ASN B 66 -20.20 21.92 -17.94
CA ASN B 66 -21.28 22.52 -17.16
C ASN B 66 -22.54 21.64 -17.07
N GLN B 67 -22.46 20.46 -17.57
CA GLN B 67 -23.56 19.46 -17.44
C GLN B 67 -22.95 18.11 -17.16
N ILE B 68 -23.49 17.45 -16.16
CA ILE B 68 -23.09 16.12 -15.76
C ILE B 68 -24.34 15.27 -15.66
N GLU B 69 -24.36 14.10 -16.19
CA GLU B 69 -25.55 13.21 -16.10
C GLU B 69 -25.10 11.90 -15.53
N VAL B 70 -25.78 11.36 -14.57
CA VAL B 70 -25.57 10.03 -13.96
C VAL B 70 -26.79 9.16 -14.22
N VAL B 71 -26.64 8.04 -14.89
CA VAL B 71 -27.80 7.17 -15.18
C VAL B 71 -27.56 5.82 -14.57
N ILE B 72 -28.54 5.32 -13.85
CA ILE B 72 -28.55 3.90 -13.37
C ILE B 72 -29.23 3.17 -14.45
N GLU B 73 -28.50 2.35 -15.21
CA GLU B 73 -29.01 1.68 -16.33
C GLU B 73 -29.40 0.23 -15.95
N LYS B 74 -30.07 -0.44 -16.93
CA LYS B 74 -30.38 -1.84 -16.82
C LYS B 74 -29.20 -2.60 -16.32
N ASP B 75 -29.45 -3.58 -15.46
CA ASP B 75 -28.49 -4.44 -14.89
C ASP B 75 -27.44 -3.75 -14.04
N ASN B 76 -27.80 -2.56 -13.52
CA ASN B 76 -26.99 -1.81 -12.62
C ASN B 76 -25.61 -1.45 -13.23
N TRP B 77 -25.64 -1.16 -14.50
CA TRP B 77 -24.56 -0.34 -15.09
C TRP B 77 -24.81 1.07 -14.62
N ILE B 78 -23.73 1.81 -14.53
CA ILE B 78 -23.76 3.25 -14.25
C ILE B 78 -23.18 3.95 -15.43
N LYS B 79 -23.84 4.96 -15.96
CA LYS B 79 -23.31 5.85 -17.07
C LYS B 79 -23.14 7.21 -16.55
N VAL B 80 -21.96 7.79 -16.69
CA VAL B 80 -21.64 9.17 -16.31
C VAL B 80 -21.21 9.89 -17.60
N THR B 81 -21.85 10.95 -17.89
CA THR B 81 -21.56 11.81 -19.08
C THR B 81 -21.27 13.22 -18.62
N ASP B 82 -20.25 13.83 -19.20
CA ASP B 82 -20.05 15.28 -19.05
C ASP B 82 -19.82 15.93 -20.40
N ASN B 83 -19.98 17.23 -20.47
CA ASN B 83 -19.75 18.00 -21.71
C ASN B 83 -18.47 18.78 -21.64
N GLY B 84 -17.46 18.26 -21.02
CA GLY B 84 -16.14 18.87 -21.01
C GLY B 84 -15.31 18.60 -22.27
N ARG B 85 -14.03 18.64 -22.15
CA ARG B 85 -13.14 18.56 -23.35
C ARG B 85 -13.07 17.18 -23.92
N GLY B 86 -13.39 16.13 -23.18
CA GLY B 86 -13.09 14.74 -23.57
C GLY B 86 -11.81 14.35 -23.03
N ILE B 87 -11.68 13.13 -22.51
CA ILE B 87 -10.38 12.64 -22.06
C ILE B 87 -9.42 12.66 -23.22
N PRO B 88 -8.14 13.12 -23.09
CA PRO B 88 -7.26 13.16 -24.26
C PRO B 88 -7.01 11.74 -24.83
N VAL B 89 -6.76 11.68 -26.11
CA VAL B 89 -6.53 10.48 -26.83
C VAL B 89 -5.16 10.35 -27.50
N ASP B 90 -4.35 11.39 -27.37
CA ASP B 90 -3.01 11.40 -27.99
C ASP B 90 -2.11 10.28 -27.48
N ILE B 91 -1.18 9.73 -28.30
CA ILE B 91 -0.42 8.61 -28.00
C ILE B 91 0.68 9.10 -27.16
N GLN B 92 0.95 8.42 -26.09
CA GLN B 92 2.02 8.81 -25.14
C GLN B 92 3.39 8.22 -25.55
N GLY B 96 3.54 4.65 -25.19
CA GLY B 96 3.18 4.20 -26.54
C GLY B 96 1.70 3.77 -26.68
N ARG B 97 0.82 4.34 -25.84
CA ARG B 97 -0.66 4.06 -25.81
C ARG B 97 -1.34 5.40 -25.73
N PRO B 98 -2.60 5.45 -26.21
CA PRO B 98 -3.43 6.67 -26.06
C PRO B 98 -3.59 7.07 -24.58
N ALA B 99 -3.64 8.35 -24.33
CA ALA B 99 -3.73 8.82 -22.99
C ALA B 99 -4.95 8.28 -22.28
N VAL B 100 -6.12 8.24 -22.96
CA VAL B 100 -7.31 7.72 -22.23
C VAL B 100 -7.07 6.28 -21.81
N GLU B 101 -6.38 5.43 -22.59
CA GLU B 101 -6.09 4.05 -22.14
C GLU B 101 -5.23 4.07 -20.93
N VAL B 102 -4.16 4.89 -20.93
CA VAL B 102 -3.23 4.95 -19.75
C VAL B 102 -4.05 5.39 -18.55
N ILE B 103 -4.90 6.35 -18.67
CA ILE B 103 -5.72 6.85 -17.57
C ILE B 103 -6.64 5.75 -17.07
N LEU B 104 -7.39 5.14 -17.96
CA LEU B 104 -8.43 4.20 -17.50
C LEU B 104 -7.81 2.87 -17.06
N THR B 105 -6.65 2.42 -17.51
CA THR B 105 -6.09 1.21 -17.00
C THR B 105 -5.37 1.47 -15.70
N SER B 106 -5.35 2.66 -15.18
CA SER B 106 -4.92 3.02 -13.77
C SER B 106 -6.09 3.37 -12.90
N SER B 107 -7.31 3.20 -13.40
CA SER B 107 -8.46 3.58 -12.62
C SER B 107 -8.94 2.43 -11.68
N VAL B 108 -9.14 2.83 -10.43
CA VAL B 108 -9.71 1.90 -9.44
C VAL B 108 -11.07 1.37 -9.85
N VAL B 109 -11.91 2.29 -10.38
CA VAL B 109 -13.24 1.85 -10.79
C VAL B 109 -13.16 0.81 -11.88
N ASN B 110 -12.25 1.07 -12.87
CA ASN B 110 -12.08 0.07 -13.92
C ASN B 110 -11.63 -1.35 -13.44
N ALA B 111 -10.64 -1.27 -12.54
CA ALA B 111 -10.14 -2.51 -11.90
C ALA B 111 -11.26 -3.28 -11.20
N LEU B 112 -12.18 -2.57 -10.60
CA LEU B 112 -13.26 -3.14 -9.74
C LEU B 112 -14.52 -3.31 -10.54
N SER B 113 -14.53 -3.23 -11.88
CA SER B 113 -15.65 -3.41 -12.73
C SER B 113 -15.53 -4.60 -13.57
N GLN B 114 -16.54 -5.43 -13.68
CA GLN B 114 -16.47 -6.50 -14.59
C GLN B 114 -16.34 -6.04 -16.05
N ASP B 115 -16.96 -4.90 -16.36
CA ASP B 115 -16.98 -4.29 -17.69
C ASP B 115 -16.95 -2.79 -17.52
N LEU B 116 -16.22 -2.12 -18.42
CA LEU B 116 -16.24 -0.62 -18.47
C LEU B 116 -16.06 -0.25 -19.89
N GLU B 117 -16.78 0.77 -20.35
CA GLU B 117 -16.70 1.35 -21.67
C GLU B 117 -16.49 2.82 -21.58
N VAL B 118 -15.69 3.37 -22.50
CA VAL B 118 -15.47 4.84 -22.60
CA VAL B 118 -15.68 4.81 -22.68
C VAL B 118 -15.92 5.24 -24.04
N TYR B 119 -16.56 6.39 -24.18
CA TYR B 119 -16.77 7.09 -25.46
C TYR B 119 -16.24 8.50 -25.28
N VAL B 120 -15.24 8.91 -25.95
CA VAL B 120 -14.74 10.27 -25.92
C VAL B 120 -15.19 11.03 -27.15
N HIS B 121 -15.81 12.17 -26.99
CA HIS B 121 -16.15 13.13 -28.08
C HIS B 121 -15.14 14.19 -28.10
N ARG B 122 -14.21 14.19 -29.05
CA ARG B 122 -13.09 15.12 -29.08
C ARG B 122 -12.56 15.15 -30.52
N ASN B 123 -11.92 16.23 -30.95
CA ASN B 123 -11.41 16.30 -32.36
C ASN B 123 -12.54 16.00 -33.37
N GLU B 124 -13.75 16.27 -33.10
CA GLU B 124 -14.86 16.01 -34.02
C GLU B 124 -15.03 14.54 -34.28
N THR B 125 -14.57 13.70 -33.38
CA THR B 125 -14.53 12.25 -33.54
C THR B 125 -15.06 11.61 -32.28
N ILE B 126 -15.68 10.45 -32.40
CA ILE B 126 -16.07 9.60 -31.25
C ILE B 126 -15.09 8.50 -31.10
N TYR B 127 -14.38 8.38 -30.03
CA TYR B 127 -13.43 7.31 -29.76
C TYR B 127 -13.98 6.35 -28.76
N HIS B 128 -13.74 5.06 -28.88
CA HIS B 128 -14.35 4.06 -27.99
C HIS B 128 -13.31 3.02 -27.59
N GLN B 129 -13.33 2.63 -26.34
CA GLN B 129 -12.53 1.50 -25.85
C GLN B 129 -13.41 0.82 -24.79
N ALA B 130 -13.22 -0.47 -24.62
CA ALA B 130 -13.91 -1.33 -23.60
C ALA B 130 -12.86 -2.11 -22.84
N TYR B 131 -13.13 -2.42 -21.60
CA TYR B 131 -12.26 -3.08 -20.66
C TYR B 131 -13.06 -4.09 -19.90
N LYS B 132 -12.34 -5.12 -19.37
CA LYS B 132 -12.94 -6.06 -18.37
C LYS B 132 -11.98 -6.17 -17.22
N LYS B 133 -12.35 -5.94 -16.01
CA LYS B 133 -11.47 -5.91 -14.87
C LYS B 133 -10.25 -5.09 -15.09
N GLY B 134 -10.43 -3.97 -15.84
CA GLY B 134 -9.38 -3.09 -16.13
C GLY B 134 -8.55 -3.40 -17.38
N VAL B 135 -8.72 -4.51 -17.96
CA VAL B 135 -7.90 -4.99 -19.10
C VAL B 135 -8.62 -4.51 -20.40
N PRO B 136 -7.86 -3.80 -21.26
CA PRO B 136 -8.43 -3.40 -22.58
C PRO B 136 -8.86 -4.60 -23.36
N GLN B 137 -9.97 -4.61 -24.00
CA GLN B 137 -10.47 -5.65 -24.82
C GLN B 137 -10.05 -5.46 -26.26
N PHE B 138 -9.75 -4.24 -26.66
CA PHE B 138 -9.39 -3.89 -28.06
C PHE B 138 -8.79 -2.49 -27.92
N ASP B 139 -8.03 -2.10 -28.97
CA ASP B 139 -7.44 -0.81 -29.05
C ASP B 139 -8.48 0.30 -29.15
N LEU B 140 -8.21 1.47 -28.59
CA LEU B 140 -9.07 2.64 -28.84
C LEU B 140 -9.35 2.78 -30.30
N LYS B 141 -10.58 3.02 -30.67
CA LYS B 141 -10.94 3.09 -32.10
C LYS B 141 -11.93 4.19 -32.35
N GLU B 142 -11.92 4.76 -33.54
CA GLU B 142 -12.89 5.71 -33.97
C GLU B 142 -14.20 5.07 -34.34
N VAL B 143 -15.33 5.50 -33.83
CA VAL B 143 -16.58 4.91 -34.04
C VAL B 143 -17.64 5.97 -34.51
N GLY B 144 -17.22 7.11 -34.89
CA GLY B 144 -18.17 8.10 -35.41
C GLY B 144 -17.61 9.51 -35.43
N THR B 145 -18.49 10.41 -35.88
CA THR B 145 -18.24 11.82 -36.01
CA THR B 145 -18.18 11.84 -35.93
C THR B 145 -19.15 12.56 -35.05
N THR B 146 -18.67 13.72 -34.55
CA THR B 146 -19.43 14.51 -33.59
C THR B 146 -19.08 15.97 -33.77
N ASP B 147 -20.04 16.74 -33.32
CA ASP B 147 -19.83 18.19 -33.17
C ASP B 147 -19.95 18.63 -31.72
N LYS B 148 -19.82 17.69 -30.81
CA LYS B 148 -19.83 17.94 -29.36
C LYS B 148 -18.48 17.50 -28.82
N THR B 149 -18.19 17.94 -27.57
CA THR B 149 -17.08 17.41 -26.77
C THR B 149 -17.58 16.88 -25.45
N GLY B 150 -16.86 15.92 -24.96
CA GLY B 150 -17.10 15.38 -23.63
C GLY B 150 -16.78 13.95 -23.52
N THR B 151 -17.13 13.37 -22.35
CA THR B 151 -16.74 11.99 -22.00
C THR B 151 -17.97 11.24 -21.52
N VAL B 152 -18.09 10.01 -21.96
CA VAL B 152 -19.06 9.01 -21.45
C VAL B 152 -18.31 7.88 -20.88
N ILE B 153 -18.57 7.53 -19.62
CA ILE B 153 -18.07 6.31 -18.99
C ILE B 153 -19.23 5.49 -18.58
N ARG B 154 -19.26 4.22 -18.92
CA ARG B 154 -20.27 3.27 -18.43
C ARG B 154 -19.55 2.13 -17.76
N PHE B 155 -19.99 1.72 -16.59
CA PHE B 155 -19.33 0.58 -15.91
C PHE B 155 -20.34 -0.27 -15.21
N LYS B 156 -20.01 -1.58 -15.09
CA LYS B 156 -20.77 -2.56 -14.32
C LYS B 156 -19.86 -3.08 -13.23
N ALA B 157 -20.15 -2.80 -11.97
CA ALA B 157 -19.37 -3.26 -10.87
C ALA B 157 -19.25 -4.81 -10.86
N ASP B 158 -18.03 -5.20 -10.38
CA ASP B 158 -17.72 -6.63 -10.37
C ASP B 158 -18.35 -7.32 -9.10
N GLY B 159 -19.29 -8.13 -9.42
CA GLY B 159 -20.01 -8.90 -8.31
C GLY B 159 -19.14 -9.91 -7.58
N GLU B 160 -17.95 -10.19 -8.15
CA GLU B 160 -16.96 -11.03 -7.45
C GLU B 160 -16.32 -10.24 -6.38
N ILE B 161 -16.30 -8.91 -6.48
CA ILE B 161 -15.75 -8.03 -5.53
C ILE B 161 -16.92 -7.59 -4.53
N PHE B 162 -17.99 -7.04 -5.14
CA PHE B 162 -19.14 -6.50 -4.37
C PHE B 162 -20.19 -7.56 -4.18
N THR B 163 -19.84 -8.46 -3.21
CA THR B 163 -20.59 -9.71 -2.96
C THR B 163 -21.89 -9.43 -2.21
N GLU B 164 -21.90 -8.37 -1.43
CA GLU B 164 -23.10 -8.07 -0.56
C GLU B 164 -24.30 -7.59 -1.45
N THR B 165 -23.97 -6.57 -2.28
CA THR B 165 -24.93 -6.05 -3.28
C THR B 165 -24.15 -5.35 -4.47
N THR B 166 -24.83 -5.50 -5.56
CA THR B 166 -24.50 -4.69 -6.78
C THR B 166 -25.65 -3.81 -7.18
N VAL B 167 -26.66 -3.63 -6.33
CA VAL B 167 -27.84 -2.83 -6.69
C VAL B 167 -27.64 -1.50 -6.06
N TYR B 168 -27.74 -0.41 -6.90
CA TYR B 168 -27.64 0.94 -6.42
C TYR B 168 -28.93 1.44 -5.78
N ASN B 169 -28.79 2.35 -4.87
CA ASN B 169 -29.97 2.94 -4.19
C ASN B 169 -30.08 4.39 -4.73
N TYR B 170 -31.25 4.67 -5.34
CA TYR B 170 -31.46 5.96 -5.97
C TYR B 170 -31.33 7.09 -4.97
N GLU B 171 -31.93 6.94 -3.77
CA GLU B 171 -31.88 8.07 -2.85
CA GLU B 171 -31.91 8.00 -2.75
C GLU B 171 -30.49 8.35 -2.33
N THR B 172 -29.66 7.31 -2.20
CA THR B 172 -28.26 7.56 -1.85
C THR B 172 -27.56 8.39 -2.89
N LEU B 173 -27.77 8.05 -4.15
CA LEU B 173 -27.19 8.83 -5.24
C LEU B 173 -27.74 10.23 -5.31
N GLN B 174 -29.05 10.36 -5.15
CA GLN B 174 -29.72 11.65 -5.25
C GLN B 174 -29.24 12.62 -4.18
N GLN B 175 -29.09 12.17 -2.96
CA GLN B 175 -28.71 13.07 -1.88
C GLN B 175 -27.31 13.63 -2.19
N ARG B 176 -26.38 12.82 -2.62
CA ARG B 176 -25.05 13.27 -2.88
C ARG B 176 -24.97 14.14 -4.11
N ILE B 177 -25.73 13.82 -5.16
CA ILE B 177 -25.73 14.62 -6.32
C ILE B 177 -26.27 16.02 -6.05
N ARG B 178 -27.30 16.12 -5.20
CA ARG B 178 -27.80 17.44 -4.79
C ARG B 178 -26.73 18.23 -4.07
N GLU B 179 -25.98 17.60 -3.18
CA GLU B 179 -24.86 18.21 -2.48
C GLU B 179 -23.83 18.72 -3.44
N LEU B 180 -23.48 17.86 -4.44
CA LEU B 180 -22.45 18.25 -5.40
C LEU B 180 -22.88 19.44 -6.17
N ALA B 181 -24.16 19.49 -6.60
CA ALA B 181 -24.64 20.57 -7.39
C ALA B 181 -24.65 21.89 -6.53
N PHE B 182 -24.98 21.77 -5.28
CA PHE B 182 -24.99 22.97 -4.42
C PHE B 182 -23.57 23.48 -4.20
N LEU B 183 -22.59 22.56 -4.16
CA LEU B 183 -21.15 23.00 -4.08
C LEU B 183 -20.68 23.63 -5.35
N ASN B 184 -21.20 23.16 -6.47
CA ASN B 184 -20.74 23.56 -7.81
C ASN B 184 -21.79 24.27 -8.53
N LYS B 185 -22.01 25.54 -8.13
CA LYS B 185 -22.94 26.37 -8.68
C LYS B 185 -22.87 26.54 -10.20
N GLY B 186 -24.01 26.52 -10.83
CA GLY B 186 -24.07 26.68 -12.23
C GLY B 186 -23.78 25.40 -13.04
N ILE B 187 -23.47 24.32 -12.39
CA ILE B 187 -23.26 23.01 -13.08
C ILE B 187 -24.60 22.27 -12.91
N GLN B 188 -25.15 21.85 -14.02
CA GLN B 188 -26.36 21.05 -13.99
C GLN B 188 -26.02 19.60 -13.78
N ILE B 189 -26.53 18.96 -12.78
CA ILE B 189 -26.23 17.53 -12.51
C ILE B 189 -27.58 16.81 -12.48
N THR B 190 -27.72 15.86 -13.38
CA THR B 190 -28.95 15.08 -13.51
C THR B 190 -28.72 13.66 -13.11
N LEU B 191 -29.65 13.05 -12.39
CA LEU B 191 -29.65 11.64 -12.01
C LEU B 191 -30.91 11.01 -12.67
N ARG B 192 -30.76 9.84 -13.26
CA ARG B 192 -31.92 9.16 -13.81
C ARG B 192 -31.83 7.69 -13.55
N ASP B 193 -32.95 7.06 -13.18
CA ASP B 193 -33.06 5.59 -13.03
C ASP B 193 -33.77 5.03 -14.18
N GLU B 194 -33.12 4.23 -15.01
CA GLU B 194 -33.70 3.53 -16.12
C GLU B 194 -33.84 2.01 -15.85
N ARG B 195 -33.59 1.53 -14.67
CA ARG B 195 -33.71 0.07 -14.42
C ARG B 195 -35.15 -0.43 -14.59
N ASP B 196 -36.12 0.37 -14.30
CA ASP B 196 -37.56 -0.07 -14.52
C ASP B 196 -37.95 0.73 -15.75
N GLU B 197 -37.90 0.10 -16.90
CA GLU B 197 -38.06 0.80 -18.17
C GLU B 197 -39.42 1.39 -18.36
N GLU B 198 -40.42 0.89 -17.72
CA GLU B 198 -41.78 1.40 -17.86
C GLU B 198 -42.00 2.60 -16.94
N ASN B 199 -41.12 2.83 -15.93
CA ASN B 199 -41.30 3.83 -14.91
C ASN B 199 -39.95 4.49 -14.64
N VAL B 200 -39.56 5.45 -15.47
CA VAL B 200 -38.27 6.13 -15.45
C VAL B 200 -38.31 7.34 -14.60
N ARG B 201 -37.37 7.54 -13.69
CA ARG B 201 -37.40 8.60 -12.70
C ARG B 201 -36.18 9.48 -12.88
N GLU B 202 -36.32 10.78 -12.83
CA GLU B 202 -35.16 11.71 -12.99
C GLU B 202 -35.30 12.86 -12.10
N ASP B 203 -34.16 13.34 -11.59
CA ASP B 203 -34.04 14.58 -10.88
C ASP B 203 -32.89 15.35 -11.46
N SER B 204 -33.02 16.62 -11.69
CA SER B 204 -31.97 17.48 -12.22
C SER B 204 -31.79 18.63 -11.29
N TYR B 205 -30.55 18.94 -10.88
CA TYR B 205 -30.20 19.99 -9.95
C TYR B 205 -29.37 21.02 -10.63
N HIS B 206 -29.65 22.30 -10.42
CA HIS B 206 -28.86 23.40 -11.05
C HIS B 206 -29.00 24.59 -10.18
N TYR B 207 -28.06 24.85 -9.31
CA TYR B 207 -28.13 25.99 -8.37
C TYR B 207 -27.53 27.20 -9.05
N GLU B 208 -28.18 28.35 -8.92
CA GLU B 208 -27.73 29.56 -9.68
C GLU B 208 -26.45 30.03 -9.03
N GLY B 209 -25.52 30.44 -9.90
CA GLY B 209 -24.19 30.92 -9.47
C GLY B 209 -23.22 30.66 -10.62
O EVO C . 16.12 -11.77 4.67
C1 EVO C . 15.66 -11.11 5.71
C8 EVO C . 14.28 -10.62 5.83
C7 EVO C . 14.20 -9.88 7.06
C6 EVO C . 13.25 -9.05 7.69
C5 EVO C . 13.55 -8.49 8.89
C4 EVO C . 14.81 -8.64 9.46
C3 EVO C . 15.79 -9.39 8.80
C2 EVO C . 15.51 -10.02 7.61
N1 EVO C . 16.38 -10.77 6.84
C9 EVO C . 13.38 -10.87 4.74
C10 EVO C . 11.97 -10.55 4.60
C14 EVO C . 11.48 -10.60 3.30
N2 EVO C . 10.18 -10.36 3.14
C13 EVO C . 9.31 -10.12 4.16
C12 EVO C . 9.74 -10.13 5.51
C11 EVO C . 11.12 -10.42 5.72
S SO4 D . 26.44 -8.50 4.50
O1 SO4 D . 27.25 -7.25 4.65
O2 SO4 D . 25.00 -8.22 4.79
O3 SO4 D . 26.58 -8.98 3.13
O4 SO4 D . 26.96 -9.48 5.47
C1 MPD E . -23.99 7.87 -28.02
C2 MPD E . -22.57 7.80 -27.51
O2 MPD E . -21.89 9.03 -26.93
CM MPD E . -21.60 7.57 -28.46
C3 MPD E . -22.54 6.48 -26.67
C4 MPD E . -23.54 6.48 -25.51
O4 MPD E . -23.36 5.37 -24.57
C5 MPD E . -23.44 7.78 -24.74
O EVO F . -12.77 15.51 -18.75
C1 EVO F . -13.12 14.38 -18.09
C8 EVO F . -11.95 13.59 -17.60
C7 EVO F . -12.57 12.31 -17.10
C6 EVO F . -11.99 11.15 -16.50
C5 EVO F . -12.77 10.12 -16.02
C4 EVO F . -14.13 10.18 -16.10
C3 EVO F . -14.77 11.38 -16.67
C2 EVO F . -14.04 12.50 -17.18
N1 EVO F . -14.34 13.73 -17.76
C9 EVO F . -10.53 14.07 -17.87
C10 EVO F . -9.23 13.45 -17.41
C14 EVO F . -7.97 13.82 -17.86
N2 EVO F . -6.87 13.23 -17.28
C13 EVO F . -6.91 12.31 -16.28
C12 EVO F . -8.13 11.95 -15.75
C11 EVO F . -9.27 12.54 -16.30
S SO4 G . -21.38 14.26 -24.90
O1 SO4 G . -21.44 15.44 -23.96
O2 SO4 G . -21.22 14.60 -26.33
O3 SO4 G . -22.62 13.46 -24.76
O4 SO4 G . -20.17 13.52 -24.43
#